data_7HHF
#
_entry.id   7HHF
#
_cell.length_a   41.710
_cell.length_b   42.430
_cell.length_c   160.420
_cell.angle_alpha   90.00
_cell.angle_beta   90.00
_cell.angle_gamma   90.00
#
_symmetry.space_group_name_H-M   'P 21 21 21'
#
loop_
_entity.id
_entity.type
_entity.pdbx_description
1 polymer 'Hepatoma-derived growth factor-related protein 2'
2 non-polymer 'SULFATE ION'
3 non-polymer 1,2-ETHANEDIOL
4 non-polymer 1-(2-ethyl-1,3-thiazol-5-yl)-N-methylmethanamine
5 water water
#
_entity_poly.entity_id   1
_entity_poly.type   'polypeptide(L)'
_entity_poly.pdbx_seq_one_letter_code
;GMPHAFKPGDLVFAKMKGYPHWPARIDDIADGAVKPPPNKYPIFFFGTHETAFLGPKDLFPYDKSKDKYGKPNKRKGFNE
GLWEIQNNPHASYS
;
_entity_poly.pdbx_strand_id   A,B,C
#
loop_
_chem_comp.id
_chem_comp.type
_chem_comp.name
_chem_comp.formula
A1A36 non-polymer 1-(2-ethyl-1,3-thiazol-5-yl)-N-methylmethanamine 'C7 H12 N2 S'
EDO non-polymer 1,2-ETHANEDIOL 'C2 H6 O2'
SO4 non-polymer 'SULFATE ION' 'O4 S -2'
#
# COMPACT_ATOMS: atom_id res chain seq x y z
N MET A 2 22.54 16.52 0.22
CA MET A 2 22.34 16.67 -1.25
C MET A 2 21.49 15.53 -1.79
N PRO A 3 20.48 15.81 -2.66
CA PRO A 3 19.51 14.80 -3.10
C PRO A 3 20.01 13.66 -3.97
N HIS A 4 19.35 12.50 -3.87
CA HIS A 4 19.68 11.35 -4.70
C HIS A 4 18.57 11.22 -5.74
N ALA A 5 18.69 10.26 -6.66
CA ALA A 5 17.57 9.82 -7.47
C ALA A 5 16.46 9.26 -6.58
N PHE A 6 15.24 9.20 -7.11
CA PHE A 6 14.12 8.58 -6.42
C PHE A 6 14.39 7.09 -6.24
N LYS A 7 13.99 6.55 -5.08
CA LYS A 7 14.12 5.12 -4.81
C LYS A 7 12.83 4.61 -4.15
N PRO A 8 12.52 3.29 -4.24
CA PRO A 8 11.36 2.71 -3.58
C PRO A 8 11.41 3.11 -2.12
N GLY A 9 10.25 3.49 -1.57
CA GLY A 9 10.07 3.87 -0.19
C GLY A 9 9.98 5.40 -0.09
N ASP A 10 10.43 6.11 -1.13
CA ASP A 10 10.41 7.58 -1.04
C ASP A 10 8.98 8.10 -1.02
N LEU A 11 8.69 9.14 -0.20
CA LEU A 11 7.34 9.65 -0.05
C LEU A 11 7.26 10.95 -0.85
N VAL A 12 6.16 11.14 -1.57
CA VAL A 12 6.04 12.32 -2.43
C VAL A 12 4.62 12.83 -2.41
N PHE A 13 4.41 14.02 -3.01
CA PHE A 13 3.12 14.30 -3.61
C PHE A 13 3.30 14.12 -5.12
N ALA A 14 2.36 13.44 -5.78
CA ALA A 14 2.52 13.13 -7.20
C ALA A 14 1.43 13.86 -7.98
N LYS A 15 1.82 14.44 -9.14
CA LYS A 15 0.91 15.31 -9.88
C LYS A 15 0.44 14.56 -11.13
N MET A 16 -0.89 14.39 -11.27
CA MET A 16 -1.51 13.94 -12.52
C MET A 16 -2.42 15.06 -13.01
N LYS A 17 -2.57 15.20 -14.33
CA LYS A 17 -3.46 16.18 -14.95
C LYS A 17 -4.88 16.02 -14.42
N GLY A 18 -5.53 17.12 -14.04
CA GLY A 18 -6.92 17.02 -13.60
C GLY A 18 -7.03 16.68 -12.12
N TYR A 19 -5.91 16.42 -11.44
CA TYR A 19 -5.99 16.10 -10.03
C TYR A 19 -5.09 17.05 -9.24
N PRO A 20 -5.37 17.31 -7.96
CA PRO A 20 -4.41 18.03 -7.10
C PRO A 20 -3.18 17.15 -6.82
N HIS A 21 -2.06 17.77 -6.46
CA HIS A 21 -0.87 17.10 -5.95
C HIS A 21 -1.28 16.09 -4.87
N TRP A 22 -0.91 14.82 -5.06
CA TRP A 22 -1.58 13.74 -4.33
C TRP A 22 -0.60 12.93 -3.48
N PRO A 23 -0.91 12.61 -2.19
CA PRO A 23 0.04 11.86 -1.37
C PRO A 23 0.28 10.48 -1.98
N ALA A 24 1.57 10.13 -2.09
CA ALA A 24 1.99 8.95 -2.81
C ALA A 24 3.35 8.46 -2.32
N ARG A 25 3.71 7.25 -2.76
CA ARG A 25 5.04 6.75 -2.55
C ARG A 25 5.58 6.14 -3.84
N ILE A 26 6.90 6.05 -3.89
CA ILE A 26 7.53 5.28 -4.97
C ILE A 26 7.48 3.81 -4.55
N ASP A 27 6.92 2.95 -5.41
CA ASP A 27 6.81 1.53 -5.10
C ASP A 27 8.03 0.73 -5.58
N ASP A 28 8.18 -0.47 -5.00
CA ASP A 28 9.02 -1.51 -5.56
C ASP A 28 8.31 -2.14 -6.76
N ILE A 29 9.08 -2.82 -7.61
CA ILE A 29 8.45 -3.72 -8.57
C ILE A 29 8.70 -5.14 -8.05
N ALA A 30 7.63 -5.91 -7.87
CA ALA A 30 7.72 -7.30 -7.44
C ALA A 30 8.41 -8.13 -8.53
N ASP A 31 9.15 -9.16 -8.11
CA ASP A 31 9.56 -10.18 -9.07
C ASP A 31 8.33 -10.65 -9.84
N GLY A 32 8.48 -10.71 -11.17
CA GLY A 32 7.44 -11.24 -12.04
C GLY A 32 6.39 -10.21 -12.46
N ALA A 33 6.47 -8.98 -11.95
CA ALA A 33 5.43 -7.99 -12.17
C ALA A 33 5.84 -7.10 -13.35
N VAL A 34 4.85 -6.43 -13.95
CA VAL A 34 5.04 -5.49 -15.05
C VAL A 34 5.92 -4.32 -14.62
N LYS A 35 6.99 -4.09 -15.40
CA LYS A 35 7.97 -3.03 -15.20
C LYS A 35 7.40 -1.74 -15.78
N PRO A 36 7.81 -0.55 -15.28
CA PRO A 36 7.31 0.72 -15.83
C PRO A 36 8.02 1.01 -17.15
N PRO A 37 7.52 1.95 -17.98
CA PRO A 37 8.27 2.39 -19.15
C PRO A 37 9.59 2.97 -18.66
N PRO A 38 10.62 3.10 -19.55
CA PRO A 38 11.88 3.76 -19.20
C PRO A 38 11.69 5.15 -18.63
N ASN A 39 12.53 5.46 -17.63
CA ASN A 39 12.58 6.76 -16.99
C ASN A 39 11.29 7.06 -16.24
N LYS A 40 10.38 6.08 -16.09
CA LYS A 40 9.20 6.30 -15.24
C LYS A 40 9.31 5.49 -13.95
N TYR A 41 8.56 5.91 -12.92
CA TYR A 41 8.55 5.21 -11.64
C TYR A 41 7.15 4.66 -11.35
N PRO A 42 7.02 3.49 -10.65
CA PRO A 42 5.70 3.04 -10.21
C PRO A 42 5.28 3.88 -9.00
N ILE A 43 4.15 4.57 -9.12
CA ILE A 43 3.71 5.47 -8.08
C ILE A 43 2.43 4.91 -7.46
N PHE A 44 2.46 4.69 -6.14
CA PHE A 44 1.29 4.23 -5.43
C PHE A 44 0.62 5.41 -4.74
N PHE A 45 -0.66 5.62 -5.05
CA PHE A 45 -1.36 6.78 -4.53
C PHE A 45 -2.09 6.35 -3.26
N PHE A 46 -1.72 6.96 -2.12
CA PHE A 46 -2.45 6.69 -0.88
C PHE A 46 -3.93 7.09 -1.03
N GLY A 47 -4.79 6.43 -0.24
CA GLY A 47 -6.21 6.69 -0.22
C GLY A 47 -6.96 5.94 -1.33
N THR A 48 -6.66 6.21 -2.61
CA THR A 48 -7.32 5.53 -3.71
C THR A 48 -6.70 4.15 -3.91
N HIS A 49 -5.45 4.01 -3.47
CA HIS A 49 -4.62 2.84 -3.65
C HIS A 49 -4.42 2.51 -5.13
N GLU A 50 -4.47 3.51 -6.02
CA GLU A 50 -4.16 3.28 -7.44
C GLU A 50 -2.64 3.38 -7.70
N THR A 51 -2.19 2.85 -8.85
CA THR A 51 -0.81 2.92 -9.29
C THR A 51 -0.78 3.58 -10.66
N ALA A 52 0.11 4.55 -10.84
CA ALA A 52 0.35 5.11 -12.16
C ALA A 52 1.85 5.21 -12.36
N PHE A 53 2.28 5.45 -13.60
CA PHE A 53 3.69 5.51 -13.92
C PHE A 53 4.02 6.97 -14.24
N LEU A 54 4.96 7.53 -13.49
CA LEU A 54 5.24 8.95 -13.59
C LEU A 54 6.75 9.19 -13.62
N GLY A 55 7.16 10.32 -14.21
CA GLY A 55 8.56 10.70 -14.20
C GLY A 55 8.79 11.80 -13.15
N PRO A 56 10.06 12.12 -12.83
CA PRO A 56 10.41 13.07 -11.76
C PRO A 56 9.77 14.46 -11.84
N LYS A 57 9.40 14.91 -13.05
CA LYS A 57 8.81 16.24 -13.13
C LYS A 57 7.47 16.31 -12.39
N ASP A 58 6.83 15.16 -12.16
CA ASP A 58 5.54 15.14 -11.50
C ASP A 58 5.65 14.68 -10.04
N LEU A 59 6.88 14.57 -9.54
CA LEU A 59 7.13 14.04 -8.19
C LEU A 59 7.77 15.12 -7.31
N PHE A 60 7.11 15.44 -6.18
CA PHE A 60 7.57 16.45 -5.24
C PHE A 60 7.83 15.81 -3.89
N PRO A 61 9.09 15.79 -3.41
CA PRO A 61 9.40 15.26 -2.06
C PRO A 61 8.43 15.69 -0.97
N TYR A 62 7.99 14.71 -0.17
CA TYR A 62 6.88 14.91 0.77
C TYR A 62 7.21 15.95 1.84
N ASP A 63 8.41 15.84 2.41
CA ASP A 63 8.77 16.70 3.52
C ASP A 63 8.75 18.17 3.11
N LYS A 64 9.45 18.50 2.01
CA LYS A 64 9.51 19.87 1.49
C LYS A 64 8.15 20.44 1.10
N SER A 65 7.20 19.60 0.64
CA SER A 65 6.00 20.07 -0.03
C SER A 65 4.75 19.99 0.83
N LYS A 66 4.84 19.39 2.02
CA LYS A 66 3.61 19.06 2.73
C LYS A 66 2.85 20.30 3.20
N ASP A 67 3.60 21.36 3.56
N ASP A 67 3.60 21.35 3.61
CA ASP A 67 3.00 22.62 3.99
CA ASP A 67 3.02 22.63 3.97
C ASP A 67 2.09 23.19 2.90
C ASP A 67 2.01 23.04 2.89
N LYS A 68 2.47 23.01 1.63
CA LYS A 68 1.70 23.52 0.51
C LYS A 68 0.59 22.55 0.09
N TYR A 69 0.88 21.25 0.06
CA TYR A 69 -0.03 20.34 -0.60
C TYR A 69 -0.76 19.43 0.39
N GLY A 70 -0.34 19.45 1.65
CA GLY A 70 -0.83 18.48 2.63
C GLY A 70 -2.04 19.00 3.41
N LYS A 71 -3.05 19.54 2.72
CA LYS A 71 -4.26 20.05 3.33
C LYS A 71 -5.47 19.26 2.80
N PRO A 72 -6.57 19.16 3.57
CA PRO A 72 -7.75 18.38 3.14
C PRO A 72 -8.37 18.78 1.81
N ASN A 73 -9.03 17.82 1.16
CA ASN A 73 -9.48 17.98 -0.21
C ASN A 73 -10.76 17.19 -0.39
N LYS A 74 -11.68 17.76 -1.18
CA LYS A 74 -12.97 17.16 -1.43
C LYS A 74 -12.81 15.84 -2.19
N ARG A 75 -11.67 15.67 -2.88
CA ARG A 75 -11.59 14.61 -3.87
C ARG A 75 -11.52 13.24 -3.20
N LYS A 76 -12.16 12.25 -3.83
CA LYS A 76 -12.41 10.95 -3.24
C LYS A 76 -11.08 10.28 -2.92
N GLY A 77 -10.92 9.82 -1.67
CA GLY A 77 -9.74 9.10 -1.26
C GLY A 77 -8.64 10.02 -0.71
N PHE A 78 -8.75 11.33 -0.95
CA PHE A 78 -7.64 12.22 -0.65
C PHE A 78 -7.32 12.26 0.85
N ASN A 79 -8.34 12.43 1.69
CA ASN A 79 -8.14 12.63 3.12
C ASN A 79 -7.66 11.32 3.75
N GLU A 80 -8.20 10.19 3.25
CA GLU A 80 -7.66 8.90 3.63
C GLU A 80 -6.18 8.81 3.26
N GLY A 81 -5.86 9.24 2.03
CA GLY A 81 -4.49 9.37 1.58
C GLY A 81 -3.57 10.14 2.52
N LEU A 82 -4.01 11.30 3.05
CA LEU A 82 -3.22 12.12 3.93
C LEU A 82 -2.94 11.35 5.23
N TRP A 83 -3.87 10.50 5.65
CA TRP A 83 -3.71 9.82 6.94
C TRP A 83 -2.66 8.73 6.75
N GLU A 84 -2.72 8.08 5.59
CA GLU A 84 -1.85 6.95 5.31
C GLU A 84 -0.41 7.45 5.23
N ILE A 85 -0.18 8.56 4.51
CA ILE A 85 1.22 8.97 4.27
C ILE A 85 1.83 9.50 5.59
N GLN A 86 0.99 9.95 6.52
CA GLN A 86 1.47 10.50 7.78
C GLN A 86 1.64 9.40 8.83
N ASN A 87 0.81 8.37 8.76
CA ASN A 87 0.63 7.44 9.87
C ASN A 87 1.22 6.06 9.59
N ASN A 88 1.15 5.53 8.34
CA ASN A 88 1.75 4.25 8.03
C ASN A 88 2.14 4.23 6.55
N PRO A 89 3.12 5.05 6.12
CA PRO A 89 3.38 5.17 4.68
C PRO A 89 4.00 3.94 4.03
N HIS A 90 4.48 2.98 4.84
CA HIS A 90 5.23 1.85 4.31
C HIS A 90 4.48 0.53 4.46
N ALA A 91 3.18 0.62 4.81
CA ALA A 91 2.27 -0.50 5.03
C ALA A 91 1.86 -1.14 3.72
N SER A 92 1.54 -2.43 3.81
CA SER A 92 0.88 -3.10 2.70
C SER A 92 -0.55 -2.58 2.60
N TYR A 93 -0.96 -2.07 1.43
CA TYR A 93 -2.33 -1.61 1.23
C TYR A 93 -3.05 -2.52 0.23
N SER A 94 -2.54 -3.74 0.03
CA SER A 94 -3.26 -4.73 -0.75
C SER A 94 -4.46 -5.29 0.05
N MET B 2 13.37 -42.91 -7.06
CA MET B 2 12.60 -43.59 -8.12
C MET B 2 12.34 -42.60 -9.26
N PRO B 3 12.91 -42.80 -10.47
CA PRO B 3 12.75 -41.84 -11.58
C PRO B 3 11.29 -41.49 -11.82
N HIS B 4 10.99 -40.20 -11.96
CA HIS B 4 9.67 -39.73 -12.38
C HIS B 4 9.75 -39.21 -13.82
N ALA B 5 8.60 -38.79 -14.36
CA ALA B 5 8.50 -38.26 -15.71
C ALA B 5 9.51 -37.12 -15.89
N PHE B 6 9.60 -36.28 -14.85
CA PHE B 6 10.53 -35.16 -14.74
C PHE B 6 11.60 -35.52 -13.71
N LYS B 7 12.87 -35.31 -14.07
CA LYS B 7 13.96 -35.55 -13.15
C LYS B 7 14.68 -34.22 -12.90
N PRO B 8 15.38 -34.07 -11.75
CA PRO B 8 16.12 -32.85 -11.43
C PRO B 8 17.03 -32.47 -12.59
N GLY B 9 16.87 -31.22 -13.04
CA GLY B 9 17.76 -30.68 -14.05
C GLY B 9 17.08 -30.57 -15.41
N ASP B 10 15.87 -31.17 -15.53
CA ASP B 10 15.04 -30.94 -16.70
C ASP B 10 14.70 -29.45 -16.76
N LEU B 11 14.80 -28.85 -17.95
CA LEU B 11 14.43 -27.45 -18.13
C LEU B 11 12.99 -27.40 -18.66
N VAL B 12 12.19 -26.45 -18.14
CA VAL B 12 10.77 -26.28 -18.43
C VAL B 12 10.41 -24.80 -18.61
N PHE B 13 9.22 -24.55 -19.16
CA PHE B 13 8.46 -23.37 -18.76
C PHE B 13 7.42 -23.83 -17.75
N ALA B 14 7.36 -23.11 -16.60
CA ALA B 14 6.44 -23.38 -15.51
C ALA B 14 5.38 -22.27 -15.48
N LYS B 15 4.12 -22.68 -15.28
CA LYS B 15 2.97 -21.79 -15.32
C LYS B 15 2.41 -21.60 -13.91
N MET B 16 2.35 -20.34 -13.48
CA MET B 16 1.66 -19.94 -12.26
C MET B 16 0.62 -18.87 -12.62
N LYS B 17 -0.50 -18.90 -11.89
CA LYS B 17 -1.58 -17.95 -12.14
C LYS B 17 -1.02 -16.53 -11.95
N GLY B 18 -1.28 -15.65 -12.92
CA GLY B 18 -0.79 -14.28 -12.82
C GLY B 18 0.40 -14.00 -13.74
N TYR B 19 1.09 -15.06 -14.19
CA TYR B 19 2.42 -14.88 -14.78
C TYR B 19 2.48 -15.61 -16.11
N PRO B 20 3.26 -15.19 -17.11
CA PRO B 20 3.34 -16.00 -18.32
C PRO B 20 4.19 -17.24 -18.00
N HIS B 21 4.07 -18.24 -18.86
CA HIS B 21 4.93 -19.41 -18.82
C HIS B 21 6.39 -18.97 -18.64
N TRP B 22 7.01 -19.46 -17.56
CA TRP B 22 8.23 -18.83 -17.07
C TRP B 22 9.41 -19.80 -17.16
N PRO B 23 10.56 -19.42 -17.76
CA PRO B 23 11.71 -20.32 -17.88
C PRO B 23 12.19 -20.86 -16.53
N ALA B 24 12.32 -22.18 -16.39
CA ALA B 24 12.54 -22.75 -15.07
C ALA B 24 13.22 -24.14 -15.14
N ARG B 25 13.55 -24.68 -13.97
CA ARG B 25 14.14 -26.03 -13.96
C ARG B 25 13.55 -26.82 -12.81
N ILE B 26 13.62 -28.16 -12.92
CA ILE B 26 13.29 -29.03 -11.80
C ILE B 26 14.53 -29.07 -10.89
N ASP B 27 14.30 -28.89 -9.59
CA ASP B 27 15.36 -28.93 -8.60
C ASP B 27 15.45 -30.29 -7.91
N ASP B 28 16.54 -30.51 -7.17
CA ASP B 28 16.72 -31.60 -6.21
C ASP B 28 16.03 -31.25 -4.89
N ILE B 29 15.85 -32.26 -4.03
CA ILE B 29 15.17 -32.06 -2.76
C ILE B 29 16.14 -32.43 -1.62
N LYS B 35 9.82 -31.54 1.93
CA LYS B 35 9.66 -32.41 0.73
C LYS B 35 8.40 -31.98 -0.03
N PRO B 36 8.39 -32.01 -1.40
CA PRO B 36 7.22 -31.59 -2.18
C PRO B 36 5.92 -32.31 -1.79
N PRO B 37 4.74 -31.67 -1.93
CA PRO B 37 3.46 -32.36 -1.72
C PRO B 37 3.32 -33.43 -2.79
N PRO B 38 2.46 -34.45 -2.61
CA PRO B 38 2.32 -35.51 -3.61
C PRO B 38 2.09 -34.97 -5.03
N ASN B 39 2.72 -35.61 -6.01
CA ASN B 39 2.52 -35.33 -7.43
C ASN B 39 3.16 -34.01 -7.88
N LYS B 40 3.96 -33.35 -7.02
CA LYS B 40 4.46 -32.01 -7.28
C LYS B 40 5.99 -32.04 -7.28
N TYR B 41 6.60 -31.09 -8.01
CA TYR B 41 8.05 -31.06 -8.13
C TYR B 41 8.56 -29.72 -7.58
N PRO B 42 9.83 -29.66 -7.09
CA PRO B 42 10.48 -28.40 -6.74
C PRO B 42 10.86 -27.69 -8.02
N ILE B 43 10.32 -26.47 -8.18
CA ILE B 43 10.58 -25.66 -9.35
C ILE B 43 11.47 -24.50 -8.95
N PHE B 44 12.54 -24.23 -9.73
CA PHE B 44 13.32 -23.02 -9.60
C PHE B 44 13.04 -22.14 -10.81
N PHE B 45 12.65 -20.88 -10.59
CA PHE B 45 12.40 -19.93 -11.68
C PHE B 45 13.66 -19.14 -11.98
N PHE B 46 14.17 -19.25 -13.23
CA PHE B 46 15.30 -18.46 -13.68
C PHE B 46 14.93 -16.97 -13.61
N GLY B 47 15.92 -16.07 -13.52
CA GLY B 47 15.66 -14.64 -13.50
C GLY B 47 15.24 -14.18 -12.11
N THR B 48 14.07 -14.61 -11.62
CA THR B 48 13.64 -14.21 -10.30
C THR B 48 14.30 -15.05 -9.21
N HIS B 49 14.77 -16.25 -9.56
CA HIS B 49 15.32 -17.19 -8.58
C HIS B 49 14.33 -17.52 -7.48
N GLU B 50 13.03 -17.42 -7.77
CA GLU B 50 11.98 -17.84 -6.84
C GLU B 50 11.82 -19.37 -6.94
N THR B 51 11.11 -19.98 -5.99
CA THR B 51 10.83 -21.41 -6.00
C THR B 51 9.35 -21.63 -5.69
N ALA B 52 8.78 -22.71 -6.25
CA ALA B 52 7.45 -23.18 -5.89
C ALA B 52 7.36 -24.69 -6.14
N PHE B 53 6.27 -25.29 -5.65
CA PHE B 53 5.89 -26.65 -5.98
C PHE B 53 4.75 -26.64 -7.02
N LEU B 54 4.98 -27.32 -8.14
CA LEU B 54 3.97 -27.39 -9.18
C LEU B 54 3.79 -28.84 -9.60
N GLY B 55 2.58 -29.15 -10.10
CA GLY B 55 2.22 -30.43 -10.71
C GLY B 55 2.53 -30.43 -12.20
N PRO B 56 2.57 -31.61 -12.86
CA PRO B 56 2.82 -31.69 -14.31
C PRO B 56 1.98 -30.83 -15.25
N LYS B 57 0.73 -30.51 -14.87
CA LYS B 57 -0.18 -29.78 -15.75
C LYS B 57 0.37 -28.38 -16.07
N ASP B 58 1.24 -27.89 -15.19
CA ASP B 58 1.80 -26.56 -15.35
C ASP B 58 3.28 -26.60 -15.72
N LEU B 59 3.78 -27.78 -16.16
CA LEU B 59 5.19 -27.94 -16.54
C LEU B 59 5.30 -28.28 -18.02
N PHE B 60 6.01 -27.43 -18.77
CA PHE B 60 6.12 -27.55 -20.21
C PHE B 60 7.58 -27.81 -20.59
N PRO B 61 7.95 -29.01 -21.09
CA PRO B 61 9.33 -29.28 -21.49
C PRO B 61 9.95 -28.19 -22.38
N TYR B 62 11.15 -27.71 -22.00
CA TYR B 62 11.74 -26.52 -22.57
C TYR B 62 11.93 -26.63 -24.08
N ASP B 63 12.46 -27.78 -24.54
CA ASP B 63 12.83 -27.90 -25.95
C ASP B 63 11.60 -27.78 -26.85
N LYS B 64 10.61 -28.64 -26.59
CA LYS B 64 9.34 -28.60 -27.29
C LYS B 64 8.74 -27.20 -27.31
N SER B 65 8.86 -26.43 -26.21
CA SER B 65 8.02 -25.25 -26.06
C SER B 65 8.74 -23.91 -26.15
N LYS B 66 10.03 -23.90 -26.50
CA LYS B 66 10.80 -22.67 -26.37
C LYS B 66 10.38 -21.64 -27.42
N ASP B 67 9.97 -22.08 -28.61
CA ASP B 67 9.69 -21.10 -29.64
C ASP B 67 8.39 -20.38 -29.35
N LYS B 68 7.48 -21.07 -28.64
CA LYS B 68 6.17 -20.56 -28.27
C LYS B 68 6.24 -19.66 -27.03
N TYR B 69 7.00 -20.06 -26.00
CA TYR B 69 7.00 -19.38 -24.72
C TYR B 69 8.31 -18.61 -24.48
N GLY B 70 9.33 -18.82 -25.33
CA GLY B 70 10.64 -18.27 -25.04
C GLY B 70 10.85 -16.89 -25.64
N LYS B 71 9.84 -16.02 -25.53
CA LYS B 71 9.91 -14.68 -26.11
C LYS B 71 10.10 -13.69 -24.98
N PRO B 72 10.92 -12.63 -25.19
CA PRO B 72 11.08 -11.59 -24.18
C PRO B 72 9.74 -10.89 -23.93
N ASN B 73 9.55 -10.44 -22.68
CA ASN B 73 8.43 -9.60 -22.30
C ASN B 73 8.89 -8.63 -21.22
N LYS B 74 7.93 -7.91 -20.63
CA LYS B 74 8.20 -6.78 -19.75
C LYS B 74 8.10 -7.16 -18.28
N ARG B 75 7.87 -8.46 -17.95
CA ARG B 75 7.80 -8.83 -16.53
C ARG B 75 9.21 -8.81 -15.94
N LYS B 76 9.32 -8.29 -14.70
CA LYS B 76 10.60 -8.17 -14.01
C LYS B 76 11.24 -9.55 -13.79
N GLY B 77 12.47 -9.70 -14.27
CA GLY B 77 13.23 -10.93 -14.06
C GLY B 77 13.13 -11.91 -15.23
N PHE B 78 12.25 -11.64 -16.20
CA PHE B 78 11.92 -12.58 -17.26
C PHE B 78 13.05 -12.69 -18.28
N ASN B 79 13.49 -11.54 -18.79
CA ASN B 79 14.50 -11.51 -19.81
C ASN B 79 15.81 -12.07 -19.23
N GLU B 80 16.01 -11.90 -17.92
CA GLU B 80 17.20 -12.43 -17.29
C GLU B 80 17.07 -13.95 -17.19
N GLY B 81 15.84 -14.42 -16.90
CA GLY B 81 15.49 -15.85 -16.86
C GLY B 81 15.79 -16.55 -18.18
N LEU B 82 15.46 -15.88 -19.29
CA LEU B 82 15.75 -16.40 -20.62
C LEU B 82 17.26 -16.53 -20.79
N TRP B 83 18.02 -15.52 -20.35
CA TRP B 83 19.48 -15.58 -20.40
C TRP B 83 20.02 -16.80 -19.64
N GLU B 84 19.54 -17.02 -18.41
CA GLU B 84 20.05 -18.09 -17.57
C GLU B 84 19.78 -19.45 -18.20
N ILE B 85 18.53 -19.71 -18.56
CA ILE B 85 18.12 -21.03 -19.07
C ILE B 85 18.93 -21.38 -20.32
N GLN B 86 19.26 -20.35 -21.10
CA GLN B 86 20.05 -20.47 -22.32
C GLN B 86 21.54 -20.69 -22.07
N ASN B 87 22.13 -20.07 -21.04
CA ASN B 87 23.58 -19.94 -21.01
C ASN B 87 24.19 -20.70 -19.85
N ASN B 88 23.44 -20.82 -18.76
CA ASN B 88 23.92 -21.51 -17.58
C ASN B 88 22.76 -22.11 -16.79
N PRO B 89 21.95 -23.01 -17.41
CA PRO B 89 20.80 -23.59 -16.71
C PRO B 89 21.10 -24.30 -15.40
N HIS B 90 22.35 -24.82 -15.25
CA HIS B 90 22.61 -25.74 -14.16
C HIS B 90 23.40 -25.07 -13.02
N ALA B 91 23.66 -23.76 -13.12
CA ALA B 91 24.45 -23.06 -12.11
C ALA B 91 23.76 -23.06 -10.74
N SER B 92 24.57 -22.96 -9.66
CA SER B 92 24.06 -22.56 -8.36
C SER B 92 23.68 -21.09 -8.43
N TYR B 93 22.48 -20.75 -7.92
CA TYR B 93 21.99 -19.38 -7.92
C TYR B 93 21.79 -18.92 -6.47
N SER B 94 22.35 -19.69 -5.53
CA SER B 94 22.37 -19.39 -4.10
C SER B 94 22.98 -17.99 -3.88
N HIS C 4 -11.84 9.53 33.66
CA HIS C 4 -10.83 10.62 33.64
C HIS C 4 -11.50 11.90 34.14
N ALA C 5 -11.15 13.03 33.49
CA ALA C 5 -11.84 14.30 33.67
C ALA C 5 -11.43 15.25 32.56
N PHE C 6 -12.42 15.93 32.00
CA PHE C 6 -12.19 16.65 30.76
C PHE C 6 -12.38 18.13 31.05
N LYS C 7 -11.47 18.95 30.49
CA LYS C 7 -11.59 20.40 30.48
C LYS C 7 -11.67 20.83 29.03
N PRO C 8 -12.25 22.01 28.69
CA PRO C 8 -12.34 22.44 27.29
C PRO C 8 -10.97 22.38 26.61
N GLY C 9 -10.96 21.99 25.33
CA GLY C 9 -9.73 21.91 24.56
C GLY C 9 -9.19 20.48 24.46
N ASP C 10 -9.51 19.64 25.46
CA ASP C 10 -9.04 18.26 25.47
C ASP C 10 -9.57 17.52 24.24
N LEU C 11 -8.73 16.62 23.70
CA LEU C 11 -9.01 15.91 22.47
C LEU C 11 -9.42 14.48 22.80
N VAL C 12 -10.52 14.03 22.16
CA VAL C 12 -11.15 12.76 22.49
C VAL C 12 -11.57 12.03 21.20
N PHE C 13 -11.87 10.73 21.34
CA PHE C 13 -12.84 10.05 20.50
C PHE C 13 -14.19 10.07 21.22
N ALA C 14 -15.24 10.47 20.50
CA ALA C 14 -16.57 10.60 21.08
C ALA C 14 -17.50 9.59 20.40
N LYS C 15 -18.19 8.79 21.22
CA LYS C 15 -19.00 7.69 20.70
C LYS C 15 -20.47 8.04 20.84
N MET C 16 -21.18 8.14 19.70
CA MET C 16 -22.63 8.22 19.68
C MET C 16 -23.22 6.96 19.06
N LYS C 17 -24.46 6.64 19.49
CA LYS C 17 -25.21 5.53 18.92
C LYS C 17 -25.34 5.76 17.42
N GLY C 18 -24.92 4.77 16.63
CA GLY C 18 -25.12 4.88 15.19
C GLY C 18 -23.88 5.43 14.48
N TYR C 19 -22.79 5.62 15.24
CA TYR C 19 -21.58 6.19 14.64
C TYR C 19 -20.32 5.56 15.23
N PRO C 20 -19.23 5.51 14.43
CA PRO C 20 -17.94 5.00 14.90
C PRO C 20 -17.36 6.00 15.90
N HIS C 21 -16.43 5.54 16.74
CA HIS C 21 -15.76 6.43 17.68
C HIS C 21 -15.15 7.58 16.88
N TRP C 22 -15.53 8.82 17.23
CA TRP C 22 -15.28 9.93 16.30
C TRP C 22 -14.26 10.91 16.89
N PRO C 23 -13.26 11.39 16.11
CA PRO C 23 -12.31 12.37 16.65
C PRO C 23 -13.05 13.67 16.97
N ALA C 24 -12.82 14.21 18.19
CA ALA C 24 -13.62 15.34 18.64
C ALA C 24 -12.82 16.11 19.69
N ARG C 25 -13.40 17.22 20.17
CA ARG C 25 -12.82 17.93 21.31
C ARG C 25 -13.91 18.40 22.30
N ILE C 26 -13.52 18.62 23.56
CA ILE C 26 -14.39 19.26 24.55
C ILE C 26 -14.53 20.75 24.20
N ASP C 27 -15.78 21.24 24.20
CA ASP C 27 -16.03 22.67 24.05
C ASP C 27 -16.20 23.32 25.42
N ASP C 28 -16.00 24.64 25.50
CA ASP C 28 -16.42 25.42 26.67
C ASP C 28 -17.88 25.82 26.45
N ILE C 29 -18.60 26.07 27.53
CA ILE C 29 -20.05 26.24 27.45
C ILE C 29 -20.37 27.74 27.37
N GLY C 32 -24.23 31.01 29.40
CA GLY C 32 -25.49 30.26 29.29
C GLY C 32 -26.34 30.76 28.13
N LYS C 35 -27.90 25.48 29.19
CA LYS C 35 -26.99 24.69 30.05
C LYS C 35 -27.05 23.22 29.61
N PRO C 36 -25.93 22.47 29.65
CA PRO C 36 -25.95 21.06 29.25
C PRO C 36 -26.99 20.27 30.05
N PRO C 37 -27.47 19.11 29.55
CA PRO C 37 -28.06 18.11 30.44
C PRO C 37 -27.09 17.83 31.59
N PRO C 38 -27.57 17.42 32.79
CA PRO C 38 -26.70 17.13 33.92
C PRO C 38 -25.63 16.11 33.55
N ASN C 39 -24.39 16.39 33.97
CA ASN C 39 -23.27 15.47 33.84
C ASN C 39 -22.92 15.24 32.36
N LYS C 40 -23.22 16.21 31.47
CA LYS C 40 -22.89 16.11 30.05
C LYS C 40 -21.88 17.18 29.64
N TYR C 41 -20.97 16.82 28.72
CA TYR C 41 -19.95 17.71 28.19
C TYR C 41 -20.36 18.19 26.78
N PRO C 42 -20.09 19.46 26.41
CA PRO C 42 -20.32 19.94 25.04
C PRO C 42 -19.18 19.39 24.18
N ILE C 43 -19.52 18.64 23.13
CA ILE C 43 -18.57 18.07 22.19
C ILE C 43 -18.66 18.80 20.86
N PHE C 44 -17.49 19.03 20.24
CA PHE C 44 -17.39 19.46 18.85
C PHE C 44 -16.71 18.32 18.07
N PHE C 45 -17.32 17.90 16.96
CA PHE C 45 -16.85 16.74 16.22
C PHE C 45 -16.01 17.29 15.06
N PHE C 46 -14.75 16.82 14.95
CA PHE C 46 -13.93 17.24 13.82
C PHE C 46 -14.52 16.67 12.53
N GLY C 47 -14.18 17.33 11.41
CA GLY C 47 -14.65 16.85 10.12
C GLY C 47 -16.05 17.38 9.83
N THR C 48 -17.04 16.94 10.62
CA THR C 48 -18.42 17.34 10.38
C THR C 48 -18.64 18.75 10.91
N HIS C 49 -17.93 19.12 11.99
CA HIS C 49 -18.03 20.41 12.65
C HIS C 49 -19.37 20.54 13.39
N GLU C 50 -19.97 19.41 13.77
CA GLU C 50 -21.23 19.44 14.49
C GLU C 50 -20.95 19.45 16.00
N THR C 51 -21.98 19.71 16.81
CA THR C 51 -21.84 19.65 18.26
C THR C 51 -22.91 18.72 18.83
N ALA C 52 -22.68 18.27 20.06
CA ALA C 52 -23.59 17.45 20.84
C ALA C 52 -23.12 17.41 22.29
N PHE C 53 -24.02 16.97 23.17
CA PHE C 53 -23.69 16.72 24.57
C PHE C 53 -23.51 15.22 24.77
N LEU C 54 -22.40 14.84 25.41
CA LEU C 54 -22.14 13.43 25.67
C LEU C 54 -21.69 13.26 27.12
N GLY C 55 -21.99 12.08 27.69
CA GLY C 55 -21.54 11.75 29.03
C GLY C 55 -20.13 11.18 28.99
N PRO C 56 -19.42 11.10 30.13
CA PRO C 56 -18.02 10.67 30.14
C PRO C 56 -17.77 9.24 29.69
N LYS C 57 -18.79 8.38 29.81
CA LYS C 57 -18.65 7.00 29.36
C LYS C 57 -18.53 6.95 27.83
N ASP C 58 -18.81 8.07 27.16
CA ASP C 58 -18.85 8.06 25.71
C ASP C 58 -17.56 8.64 25.15
N LEU C 59 -16.62 8.96 26.05
CA LEU C 59 -15.48 9.79 25.71
C LEU C 59 -14.18 9.05 26.00
N PHE C 60 -13.20 9.19 25.12
CA PHE C 60 -11.93 8.50 25.26
C PHE C 60 -10.81 9.50 24.95
N PRO C 61 -9.79 9.64 25.84
CA PRO C 61 -8.71 10.61 25.61
C PRO C 61 -7.97 10.21 24.33
N TYR C 62 -7.64 11.22 23.52
CA TYR C 62 -7.14 11.03 22.16
C TYR C 62 -5.82 10.29 22.17
N ASP C 63 -4.85 10.84 22.91
CA ASP C 63 -3.50 10.29 22.95
C ASP C 63 -3.52 8.86 23.45
N LYS C 64 -4.44 8.54 24.38
CA LYS C 64 -4.47 7.21 24.96
C LYS C 64 -5.03 6.17 23.99
N SER C 65 -5.95 6.59 23.10
CA SER C 65 -6.71 5.61 22.32
C SER C 65 -6.63 5.81 20.80
N LYS C 66 -5.83 6.78 20.33
CA LYS C 66 -5.70 6.99 18.89
C LYS C 66 -5.20 5.72 18.21
N ASP C 67 -4.36 4.95 18.91
CA ASP C 67 -3.79 3.78 18.27
C ASP C 67 -4.92 2.84 17.83
N LYS C 68 -6.07 2.91 18.54
CA LYS C 68 -7.20 2.00 18.37
C LYS C 68 -8.29 2.62 17.46
N TYR C 69 -8.58 3.92 17.63
CA TYR C 69 -9.73 4.52 16.96
C TYR C 69 -9.28 5.48 15.84
N GLY C 70 -8.02 5.91 15.88
CA GLY C 70 -7.48 6.82 14.87
C GLY C 70 -7.04 6.04 13.64
N LYS C 71 -8.01 5.65 12.81
CA LYS C 71 -7.82 4.87 11.59
C LYS C 71 -8.92 5.26 10.62
N PRO C 72 -8.68 5.28 9.30
CA PRO C 72 -9.69 5.79 8.39
C PRO C 72 -10.99 4.99 8.41
N ASN C 73 -12.06 5.65 8.00
CA ASN C 73 -13.25 4.94 7.61
C ASN C 73 -14.06 5.81 6.66
N LYS C 74 -15.09 5.19 6.07
CA LYS C 74 -15.74 5.74 4.91
C LYS C 74 -16.82 6.73 5.33
N ARG C 75 -17.19 6.74 6.63
CA ARG C 75 -18.31 7.59 7.05
C ARG C 75 -17.98 9.05 6.75
N LYS C 76 -19.02 9.80 6.35
CA LYS C 76 -18.91 11.16 5.86
C LYS C 76 -18.21 12.02 6.90
N GLY C 77 -17.07 12.62 6.49
CA GLY C 77 -16.41 13.69 7.24
C GLY C 77 -15.36 13.15 8.21
N PHE C 78 -15.28 11.81 8.32
CA PHE C 78 -14.39 11.15 9.26
C PHE C 78 -12.92 11.43 8.93
N ASN C 79 -12.54 11.19 7.67
CA ASN C 79 -11.12 11.24 7.35
C ASN C 79 -10.60 12.67 7.51
N GLU C 80 -11.42 13.64 7.11
CA GLU C 80 -11.03 15.01 7.38
C GLU C 80 -10.93 15.23 8.89
N GLY C 81 -11.87 14.62 9.66
CA GLY C 81 -11.81 14.73 11.10
C GLY C 81 -10.46 14.29 11.65
N LEU C 82 -9.97 13.13 11.17
CA LEU C 82 -8.64 12.60 11.53
C LEU C 82 -7.53 13.59 11.22
N TRP C 83 -7.55 14.20 10.03
CA TRP C 83 -6.54 15.18 9.68
C TRP C 83 -6.55 16.34 10.68
N GLU C 84 -7.76 16.86 10.97
CA GLU C 84 -7.90 17.99 11.86
C GLU C 84 -7.39 17.68 13.26
N ILE C 85 -7.77 16.51 13.81
CA ILE C 85 -7.41 16.25 15.19
C ILE C 85 -5.89 16.08 15.33
N GLN C 86 -5.21 15.68 14.25
CA GLN C 86 -3.77 15.43 14.26
C GLN C 86 -2.94 16.71 13.99
N ASN C 87 -3.42 17.56 13.07
CA ASN C 87 -2.64 18.62 12.47
C ASN C 87 -3.12 20.01 12.88
N ASN C 88 -4.45 20.18 13.02
CA ASN C 88 -5.01 21.50 13.29
C ASN C 88 -6.08 21.46 14.37
N PRO C 89 -5.78 20.96 15.59
CA PRO C 89 -6.80 20.65 16.60
C PRO C 89 -7.54 21.75 17.35
N HIS C 90 -7.09 23.01 17.22
CA HIS C 90 -7.63 24.15 17.97
C HIS C 90 -7.93 25.34 17.07
N ALA C 91 -8.12 25.09 15.78
CA ALA C 91 -8.62 26.11 14.87
C ALA C 91 -10.10 26.37 15.14
N SER C 92 -10.62 27.44 14.54
CA SER C 92 -11.96 27.95 14.77
C SER C 92 -13.03 27.05 14.15
N TYR C 93 -12.87 26.73 12.87
CA TYR C 93 -13.86 26.01 12.09
C TYR C 93 -15.21 26.74 12.18
S SO4 D . -14.34 13.03 -7.03
O1 SO4 D . -15.17 11.84 -7.19
O2 SO4 D . -13.00 12.75 -7.47
O3 SO4 D . -14.89 14.10 -7.83
O4 SO4 D . -14.34 13.41 -5.64
S SO4 E . -4.88 20.71 -13.34
O1 SO4 E . -4.02 20.26 -14.43
O2 SO4 E . -4.11 21.50 -12.41
O3 SO4 E . -5.97 21.50 -13.86
O4 SO4 E . -5.43 19.57 -12.66
C1 EDO F . 0.20 -1.55 -1.93
O1 EDO F . 0.74 -2.09 -0.71
C2 EDO F . 1.13 -1.52 -3.11
O2 EDO F . 2.37 -0.86 -2.87
S SO4 G . -11.46 10.58 1.82
O1 SO4 G . -10.65 9.42 1.94
O2 SO4 G . -12.38 10.40 0.72
O3 SO4 G . -12.20 10.80 3.04
O4 SO4 G . -10.62 11.71 1.54
S SO4 H . 15.08 -8.40 -16.52
O1 SO4 H . 15.23 -9.82 -16.31
O2 SO4 H . 14.56 -8.14 -17.85
O3 SO4 H . 14.14 -7.85 -15.56
O4 SO4 H . 16.38 -7.81 -16.35
S SO4 I . -3.36 -15.92 -16.10
O1 SO4 I . -2.97 -16.37 -14.79
O2 SO4 I . -4.59 -16.56 -16.50
O3 SO4 I . -3.55 -14.49 -16.07
O4 SO4 I . -2.32 -16.24 -17.05
N1 A1A36 J . 6.09 -14.45 -6.40
C4 A1A36 J . 7.37 -14.45 -8.52
C5 A1A36 J . 6.77 -13.62 -7.40
C6 A1A36 J . 4.75 -14.86 -6.84
C3 A1A36 J . 8.67 -14.73 -8.75
N A1A36 J . 8.96 -15.49 -9.88
S A1A36 J . 6.39 -15.17 -9.76
C2 A1A36 J . 7.86 -15.79 -10.50
C1 A1A36 J . 7.81 -16.59 -11.75
C A1A36 J . 6.43 -17.03 -12.12
C1 EDO K . -20.93 12.05 13.32
O1 EDO K . -21.40 12.35 12.01
C2 EDO K . -20.16 13.15 13.96
O2 EDO K . -20.73 14.39 13.65
S SO4 L . -23.67 0.15 18.95
O1 SO4 L . -23.28 -1.15 19.40
O2 SO4 L . -22.91 0.48 17.77
O3 SO4 L . -25.08 0.15 18.63
O4 SO4 L . -23.42 1.11 19.99
#